data_6J60
# 
_entry.id   6J60 
# 
_audit_conform.dict_name       mmcif_pdbx.dic 
_audit_conform.dict_version    5.387 
_audit_conform.dict_location   http://mmcif.pdb.org/dictionaries/ascii/mmcif_pdbx.dic 
# 
loop_
_database_2.database_id 
_database_2.database_code 
_database_2.pdbx_database_accession 
_database_2.pdbx_DOI 
PDB   6J60         pdb_00006j60 10.2210/pdb6j60/pdb 
WWPDB D_1300010533 ?            ?                   
# 
loop_
_pdbx_audit_revision_history.ordinal 
_pdbx_audit_revision_history.data_content_type 
_pdbx_audit_revision_history.major_revision 
_pdbx_audit_revision_history.minor_revision 
_pdbx_audit_revision_history.revision_date 
1 'Structure model' 1 0 2019-04-03 
2 'Structure model' 1 1 2019-10-16 
3 'Structure model' 1 2 2024-03-27 
# 
_pdbx_audit_revision_details.ordinal             1 
_pdbx_audit_revision_details.revision_ordinal    1 
_pdbx_audit_revision_details.data_content_type   'Structure model' 
_pdbx_audit_revision_details.provider            repository 
_pdbx_audit_revision_details.type                'Initial release' 
_pdbx_audit_revision_details.description         ? 
_pdbx_audit_revision_details.details             ? 
# 
loop_
_pdbx_audit_revision_group.ordinal 
_pdbx_audit_revision_group.revision_ordinal 
_pdbx_audit_revision_group.data_content_type 
_pdbx_audit_revision_group.group 
1 2 'Structure model' 'Data collection'     
2 2 'Structure model' 'Database references' 
3 3 'Structure model' 'Data collection'     
4 3 'Structure model' 'Database references' 
# 
loop_
_pdbx_audit_revision_category.ordinal 
_pdbx_audit_revision_category.revision_ordinal 
_pdbx_audit_revision_category.data_content_type 
_pdbx_audit_revision_category.category 
1 2 'Structure model' citation        
2 2 'Structure model' citation_author 
3 3 'Structure model' chem_comp_atom  
4 3 'Structure model' chem_comp_bond  
5 3 'Structure model' database_2      
# 
loop_
_pdbx_audit_revision_item.ordinal 
_pdbx_audit_revision_item.revision_ordinal 
_pdbx_audit_revision_item.data_content_type 
_pdbx_audit_revision_item.item 
1  2 'Structure model' '_citation.country'                   
2  2 'Structure model' '_citation.journal_abbrev'            
3  2 'Structure model' '_citation.journal_id_CSD'            
4  2 'Structure model' '_citation.journal_id_ISSN'           
5  2 'Structure model' '_citation.journal_volume'            
6  2 'Structure model' '_citation.page_first'                
7  2 'Structure model' '_citation.page_last'                 
8  2 'Structure model' '_citation.pdbx_database_id_DOI'      
9  2 'Structure model' '_citation.pdbx_database_id_PubMed'   
10 2 'Structure model' '_citation.title'                     
11 2 'Structure model' '_citation.year'                      
12 3 'Structure model' '_database_2.pdbx_DOI'                
13 3 'Structure model' '_database_2.pdbx_database_accession' 
# 
_pdbx_database_status.status_code                     REL 
_pdbx_database_status.status_code_sf                  REL 
_pdbx_database_status.status_code_mr                  ? 
_pdbx_database_status.entry_id                        6J60 
_pdbx_database_status.recvd_initial_deposition_date   2019-01-12 
_pdbx_database_status.SG_entry                        N 
_pdbx_database_status.deposit_site                    PDBJ 
_pdbx_database_status.process_site                    PDBJ 
_pdbx_database_status.status_code_cs                  ? 
_pdbx_database_status.methods_development_category    ? 
_pdbx_database_status.pdb_format_compatible           Y 
_pdbx_database_status.status_code_nmr_data            ? 
# 
loop_
_audit_author.name 
_audit_author.pdbx_ordinal 
_audit_author.identifier_ORCID 
'Luo, F.'  1 ? 
'Zhou, H.' 2 ? 
'Gui, X.'  3 ? 
'Li, D.'   4 ? 
'Li, X.'   5 ? 
'Liu, C.'  6 ? 
# 
_citation.abstract                  ? 
_citation.abstract_id_CAS           ? 
_citation.book_id_ISBN              ? 
_citation.book_publisher            ? 
_citation.book_publisher_city       ? 
_citation.book_title                ? 
_citation.coordinate_linkage        ? 
_citation.country                   UK 
_citation.database_id_Medline       ? 
_citation.details                   ? 
_citation.id                        primary 
_citation.journal_abbrev            'Nat Commun' 
_citation.journal_id_ASTM           ? 
_citation.journal_id_CSD            ? 
_citation.journal_id_ISSN           2041-1723 
_citation.journal_full              ? 
_citation.journal_issue             ? 
_citation.journal_volume            10 
_citation.language                  ? 
_citation.page_first                2006 
_citation.page_last                 2006 
_citation.title                     
'Structural basis for reversible amyloids of hnRNPA1 elucidates their role in stress granule assembly.' 
_citation.year                      2019 
_citation.database_id_CSD           ? 
_citation.pdbx_database_id_DOI      10.1038/s41467-019-09902-7 
_citation.pdbx_database_id_PubMed   31043593 
_citation.unpublished_flag          ? 
# 
loop_
_citation_author.citation_id 
_citation_author.name 
_citation_author.ordinal 
_citation_author.identifier_ORCID 
primary 'Gui, X.'    1  ?                   
primary 'Luo, F.'    2  ?                   
primary 'Li, Y.'     3  ?                   
primary 'Zhou, H.'   4  0000-0002-6267-1585 
primary 'Qin, Z.'    5  0000-0002-2731-5622 
primary 'Liu, Z.'    6  ?                   
primary 'Gu, J.'     7  ?                   
primary 'Xie, M.'    8  ?                   
primary 'Zhao, K.'   9  ?                   
primary 'Dai, B.'    10 ?                   
primary 'Shin, W.S.' 11 ?                   
primary 'He, J.'     12 ?                   
primary 'He, L.'     13 ?                   
primary 'Jiang, L.'  14 0000-0003-3039-1877 
primary 'Zhao, M.'   15 ?                   
primary 'Sun, B.'    16 0000-0002-4590-7795 
primary 'Li, X.'     17 0000-0002-8451-9947 
primary 'Liu, C.'    18 0000-0003-3425-6672 
primary 'Li, D.'     19 0000-0002-1609-1539 
# 
loop_
_entity.id 
_entity.type 
_entity.src_method 
_entity.pdbx_description 
_entity.formula_weight 
_entity.pdbx_number_of_molecules 
_entity.pdbx_ec 
_entity.pdbx_mutation 
_entity.pdbx_fragment 
_entity.details 
1 polymer syn '9-mer peptide (GFGGNDNFG) from Heterogeneous nuclear ribonucleoprotein A1' 883.863 1 ? ? ? ? 
2 water   nat water                                                                       18.015  4 ? ? ? ? 
# 
_entity_poly.entity_id                      1 
_entity_poly.type                           'polypeptide(L)' 
_entity_poly.nstd_linkage                   no 
_entity_poly.nstd_monomer                   no 
_entity_poly.pdbx_seq_one_letter_code       GFGGNDNFG 
_entity_poly.pdbx_seq_one_letter_code_can   GFGGNDNFG 
_entity_poly.pdbx_strand_id                 A 
_entity_poly.pdbx_target_identifier         ? 
# 
_pdbx_entity_nonpoly.entity_id   2 
_pdbx_entity_nonpoly.name        water 
_pdbx_entity_nonpoly.comp_id     HOH 
# 
loop_
_entity_poly_seq.entity_id 
_entity_poly_seq.num 
_entity_poly_seq.mon_id 
_entity_poly_seq.hetero 
1 1 GLY n 
1 2 PHE n 
1 3 GLY n 
1 4 GLY n 
1 5 ASN n 
1 6 ASP n 
1 7 ASN n 
1 8 PHE n 
1 9 GLY n 
# 
_pdbx_entity_src_syn.entity_id              1 
_pdbx_entity_src_syn.pdbx_src_id            1 
_pdbx_entity_src_syn.pdbx_alt_source_flag   sample 
_pdbx_entity_src_syn.pdbx_beg_seq_num       1 
_pdbx_entity_src_syn.pdbx_end_seq_num       9 
_pdbx_entity_src_syn.organism_scientific    'Homo sapiens' 
_pdbx_entity_src_syn.organism_common_name   ? 
_pdbx_entity_src_syn.ncbi_taxonomy_id       9606 
_pdbx_entity_src_syn.details                ? 
# 
loop_
_chem_comp.id 
_chem_comp.type 
_chem_comp.mon_nstd_flag 
_chem_comp.name 
_chem_comp.pdbx_synonyms 
_chem_comp.formula 
_chem_comp.formula_weight 
ASN 'L-peptide linking' y ASPARAGINE      ? 'C4 H8 N2 O3' 132.118 
ASP 'L-peptide linking' y 'ASPARTIC ACID' ? 'C4 H7 N O4'  133.103 
GLY 'peptide linking'   y GLYCINE         ? 'C2 H5 N O2'  75.067  
HOH non-polymer         . WATER           ? 'H2 O'        18.015  
PHE 'L-peptide linking' y PHENYLALANINE   ? 'C9 H11 N O2' 165.189 
# 
loop_
_pdbx_poly_seq_scheme.asym_id 
_pdbx_poly_seq_scheme.entity_id 
_pdbx_poly_seq_scheme.seq_id 
_pdbx_poly_seq_scheme.mon_id 
_pdbx_poly_seq_scheme.ndb_seq_num 
_pdbx_poly_seq_scheme.pdb_seq_num 
_pdbx_poly_seq_scheme.auth_seq_num 
_pdbx_poly_seq_scheme.pdb_mon_id 
_pdbx_poly_seq_scheme.auth_mon_id 
_pdbx_poly_seq_scheme.pdb_strand_id 
_pdbx_poly_seq_scheme.pdb_ins_code 
_pdbx_poly_seq_scheme.hetero 
A 1 1 GLY 1 209 209 GLY GLY A . n 
A 1 2 PHE 2 210 210 PHE PHE A . n 
A 1 3 GLY 3 211 211 GLY GLY A . n 
A 1 4 GLY 4 212 212 GLY GLY A . n 
A 1 5 ASN 5 213 213 ASN ASN A . n 
A 1 6 ASP 6 214 214 ASP ASP A . n 
A 1 7 ASN 7 215 215 ASN ASN A . n 
A 1 8 PHE 8 216 216 PHE PHE A . n 
A 1 9 GLY 9 217 217 GLY GLY A . n 
# 
loop_
_pdbx_nonpoly_scheme.asym_id 
_pdbx_nonpoly_scheme.entity_id 
_pdbx_nonpoly_scheme.mon_id 
_pdbx_nonpoly_scheme.ndb_seq_num 
_pdbx_nonpoly_scheme.pdb_seq_num 
_pdbx_nonpoly_scheme.auth_seq_num 
_pdbx_nonpoly_scheme.pdb_mon_id 
_pdbx_nonpoly_scheme.auth_mon_id 
_pdbx_nonpoly_scheme.pdb_strand_id 
_pdbx_nonpoly_scheme.pdb_ins_code 
B 2 HOH 1 301 2 HOH HOH A . 
B 2 HOH 2 302 1 HOH HOH A . 
B 2 HOH 3 303 3 HOH HOH A . 
B 2 HOH 4 304 4 HOH HOH A . 
# 
_software.citation_id            ? 
_software.classification         refinement 
_software.compiler_name          ? 
_software.compiler_version       ? 
_software.contact_author         ? 
_software.contact_author_email   ? 
_software.date                   ? 
_software.description            ? 
_software.dependencies           ? 
_software.hardware               ? 
_software.language               ? 
_software.location               ? 
_software.mods                   ? 
_software.name                   PHENIX 
_software.os                     ? 
_software.os_version             ? 
_software.type                   ? 
_software.version                '(1.10_2155: ???)' 
_software.pdbx_ordinal           1 
# 
_cell.angle_alpha                  90.00 
_cell.angle_alpha_esd              ? 
_cell.angle_beta                   90.00 
_cell.angle_beta_esd               ? 
_cell.angle_gamma                  90.00 
_cell.angle_gamma_esd              ? 
_cell.entry_id                     6J60 
_cell.details                      ? 
_cell.formula_units_Z              ? 
_cell.length_a                     5.010 
_cell.length_a_esd                 ? 
_cell.length_b                     27.800 
_cell.length_b_esd                 ? 
_cell.length_c                     36.450 
_cell.length_c_esd                 ? 
_cell.volume                       ? 
_cell.volume_esd                   ? 
_cell.Z_PDB                        4 
_cell.reciprocal_angle_alpha       ? 
_cell.reciprocal_angle_beta        ? 
_cell.reciprocal_angle_gamma       ? 
_cell.reciprocal_angle_alpha_esd   ? 
_cell.reciprocal_angle_beta_esd    ? 
_cell.reciprocal_angle_gamma_esd   ? 
_cell.reciprocal_length_a          ? 
_cell.reciprocal_length_b          ? 
_cell.reciprocal_length_c          ? 
_cell.reciprocal_length_a_esd      ? 
_cell.reciprocal_length_b_esd      ? 
_cell.reciprocal_length_c_esd      ? 
_cell.pdbx_unique_axis             ? 
# 
_symmetry.entry_id                         6J60 
_symmetry.cell_setting                     ? 
_symmetry.Int_Tables_number                19 
_symmetry.space_group_name_Hall            ? 
_symmetry.space_group_name_H-M             'P 21 21 21' 
_symmetry.pdbx_full_space_group_name_H-M   ? 
# 
_exptl.absorpt_coefficient_mu     ? 
_exptl.absorpt_correction_T_max   ? 
_exptl.absorpt_correction_T_min   ? 
_exptl.absorpt_correction_type    ? 
_exptl.absorpt_process_details    ? 
_exptl.entry_id                   6J60 
_exptl.crystals_number            ? 
_exptl.details                    ? 
_exptl.method                     'ELECTRON CRYSTALLOGRAPHY' 
_exptl.method_details             ? 
# 
_refine.aniso_B[1][1]                            ? 
_refine.aniso_B[1][2]                            ? 
_refine.aniso_B[1][3]                            ? 
_refine.aniso_B[2][2]                            ? 
_refine.aniso_B[2][3]                            ? 
_refine.aniso_B[3][3]                            ? 
_refine.B_iso_max                                ? 
_refine.B_iso_mean                               ? 
_refine.B_iso_min                                ? 
_refine.correlation_coeff_Fo_to_Fc               ? 
_refine.correlation_coeff_Fo_to_Fc_free          ? 
_refine.details                                  phenix.refine 
_refine.diff_density_max                         ? 
_refine.diff_density_max_esd                     ? 
_refine.diff_density_min                         ? 
_refine.diff_density_min_esd                     ? 
_refine.diff_density_rms                         ? 
_refine.diff_density_rms_esd                     ? 
_refine.entry_id                                 6J60 
_refine.pdbx_refine_id                           'ELECTRON CRYSTALLOGRAPHY' 
_refine.ls_abs_structure_details                 ? 
_refine.ls_abs_structure_Flack                   ? 
_refine.ls_abs_structure_Flack_esd               ? 
_refine.ls_abs_structure_Rogers                  ? 
_refine.ls_abs_structure_Rogers_esd              ? 
_refine.ls_d_res_high                            0.960 
_refine.ls_d_res_low                             3.967 
_refine.ls_extinction_coef                       ? 
_refine.ls_extinction_coef_esd                   ? 
_refine.ls_extinction_expression                 ? 
_refine.ls_extinction_method                     ? 
_refine.ls_goodness_of_fit_all                   ? 
_refine.ls_goodness_of_fit_all_esd               ? 
_refine.ls_goodness_of_fit_obs                   ? 
_refine.ls_goodness_of_fit_obs_esd               ? 
_refine.ls_hydrogen_treatment                    ? 
_refine.ls_matrix_type                           ? 
_refine.ls_number_constraints                    ? 
_refine.ls_number_parameters                     ? 
_refine.ls_number_reflns_all                     ? 
_refine.ls_number_reflns_obs                     5150 
_refine.ls_number_reflns_R_free                  521 
_refine.ls_number_reflns_R_work                  ? 
_refine.ls_number_restraints                     ? 
_refine.ls_percent_reflns_obs                    86.93 
_refine.ls_percent_reflns_R_free                 10.12 
_refine.ls_R_factor_all                          ? 
_refine.ls_R_factor_obs                          0.2349 
_refine.ls_R_factor_R_free                       0.2484 
_refine.ls_R_factor_R_free_error                 ? 
_refine.ls_R_factor_R_free_error_details         ? 
_refine.ls_R_factor_R_work                       0.2332 
_refine.ls_R_Fsqd_factor_obs                     ? 
_refine.ls_R_I_factor_obs                        ? 
_refine.ls_redundancy_reflns_all                 ? 
_refine.ls_redundancy_reflns_obs                 ? 
_refine.ls_restrained_S_all                      ? 
_refine.ls_restrained_S_obs                      ? 
_refine.ls_shift_over_esd_max                    ? 
_refine.ls_shift_over_esd_mean                   ? 
_refine.ls_structure_factor_coef                 ? 
_refine.ls_weighting_details                     ? 
_refine.ls_weighting_scheme                      ? 
_refine.ls_wR_factor_all                         ? 
_refine.ls_wR_factor_obs                         ? 
_refine.ls_wR_factor_R_free                      ? 
_refine.ls_wR_factor_R_work                      ? 
_refine.occupancy_max                            ? 
_refine.occupancy_min                            ? 
_refine.solvent_model_details                    ? 
_refine.solvent_model_param_bsol                 ? 
_refine.solvent_model_param_ksol                 ? 
_refine.ls_R_factor_gt                           ? 
_refine.ls_goodness_of_fit_gt                    ? 
_refine.ls_goodness_of_fit_ref                   ? 
_refine.ls_shift_over_su_max                     ? 
_refine.ls_shift_over_su_max_lt                  ? 
_refine.ls_shift_over_su_mean                    ? 
_refine.ls_shift_over_su_mean_lt                 ? 
_refine.pdbx_ls_sigma_I                          ? 
_refine.pdbx_ls_sigma_F                          1.36 
_refine.pdbx_ls_sigma_Fsqd                       ? 
_refine.pdbx_data_cutoff_high_absF               ? 
_refine.pdbx_data_cutoff_high_rms_absF           ? 
_refine.pdbx_data_cutoff_low_absF                ? 
_refine.pdbx_isotropic_thermal_model             ? 
_refine.pdbx_ls_cross_valid_method               'FREE R-VALUE' 
_refine.pdbx_method_to_determine_struct          ? 
_refine.pdbx_starting_model                      ? 
_refine.pdbx_stereochemistry_target_values       ? 
_refine.pdbx_R_Free_selection_details            ? 
_refine.pdbx_stereochem_target_val_spec_case     ? 
_refine.pdbx_overall_ESU_R                       ? 
_refine.pdbx_overall_ESU_R_Free                  ? 
_refine.pdbx_solvent_vdw_probe_radii             1.11 
_refine.pdbx_solvent_ion_probe_radii             ? 
_refine.pdbx_solvent_shrinkage_radii             0.90 
_refine.pdbx_real_space_R                        ? 
_refine.pdbx_density_correlation                 ? 
_refine.pdbx_pd_number_of_powder_patterns        ? 
_refine.pdbx_pd_number_of_points                 ? 
_refine.pdbx_pd_meas_number_of_points            ? 
_refine.pdbx_pd_proc_ls_prof_R_factor            ? 
_refine.pdbx_pd_proc_ls_prof_wR_factor           ? 
_refine.pdbx_pd_Marquardt_correlation_coeff      ? 
_refine.pdbx_pd_Fsqrd_R_factor                   ? 
_refine.pdbx_pd_ls_matrix_band_width             ? 
_refine.pdbx_overall_phase_error                 31.52 
_refine.pdbx_overall_SU_R_free_Cruickshank_DPI   ? 
_refine.pdbx_overall_SU_R_free_Blow_DPI          ? 
_refine.pdbx_overall_SU_R_Blow_DPI               ? 
_refine.pdbx_TLS_residual_ADP_flag               ? 
_refine.pdbx_diffrn_id                           1 
_refine.overall_SU_B                             ? 
_refine.overall_SU_ML                            0.17 
_refine.overall_SU_R_Cruickshank_DPI             ? 
_refine.overall_SU_R_free                        ? 
_refine.overall_FOM_free_R_set                   ? 
_refine.overall_FOM_work_R_set                   ? 
_refine.pdbx_average_fsc_overall                 ? 
_refine.pdbx_average_fsc_work                    ? 
_refine.pdbx_average_fsc_free                    ? 
# 
loop_
_refine_ls_restr.pdbx_refine_id 
_refine_ls_restr.criterion 
_refine_ls_restr.dev_ideal 
_refine_ls_restr.dev_ideal_target 
_refine_ls_restr.number 
_refine_ls_restr.rejects 
_refine_ls_restr.type 
_refine_ls_restr.weight 
_refine_ls_restr.pdbx_restraint_function 
'ELECTRON CRYSTALLOGRAPHY' ? 0.014  ? 64 ? f_bond_d           ? ? 
'ELECTRON CRYSTALLOGRAPHY' ? 1.044  ? 84 ? f_angle_d          ? ? 
'ELECTRON CRYSTALLOGRAPHY' ? 10.981 ? 19 ? f_dihedral_angle_d ? ? 
'ELECTRON CRYSTALLOGRAPHY' ? 0.122  ? 5  ? f_chiral_restr     ? ? 
'ELECTRON CRYSTALLOGRAPHY' ? 0.006  ? 14 ? f_plane_restr      ? ? 
# 
_struct.entry_id                     6J60 
_struct.title                        'hnRNP A1 reversible amyloid core GFGGNDNFG (residues 209-217)' 
_struct.pdbx_model_details           ? 
_struct.pdbx_formula_weight          ? 
_struct.pdbx_formula_weight_method   ? 
_struct.pdbx_model_type_details      ? 
_struct.pdbx_CASP_flag               N 
# 
_struct_keywords.entry_id        6J60 
_struct_keywords.text            'phase separation, reversibility, RNA BINDING PROTEIN, MicroED' 
_struct_keywords.pdbx_keywords   'RNA BINDING PROTEIN' 
# 
loop_
_struct_asym.id 
_struct_asym.pdbx_blank_PDB_chainid_flag 
_struct_asym.pdbx_modified 
_struct_asym.entity_id 
_struct_asym.details 
A N N 1 ? 
B N N 2 ? 
# 
_struct_ref.id                         1 
_struct_ref.db_name                    PDB 
_struct_ref.db_code                    6J60 
_struct_ref.pdbx_db_accession          6J60 
_struct_ref.pdbx_db_isoform            ? 
_struct_ref.entity_id                  1 
_struct_ref.pdbx_seq_one_letter_code   ? 
_struct_ref.pdbx_align_begin           1 
# 
_struct_ref_seq.align_id                      1 
_struct_ref_seq.ref_id                        1 
_struct_ref_seq.pdbx_PDB_id_code              6J60 
_struct_ref_seq.pdbx_strand_id                A 
_struct_ref_seq.seq_align_beg                 1 
_struct_ref_seq.pdbx_seq_align_beg_ins_code   ? 
_struct_ref_seq.seq_align_end                 9 
_struct_ref_seq.pdbx_seq_align_end_ins_code   ? 
_struct_ref_seq.pdbx_db_accession             6J60 
_struct_ref_seq.db_align_beg                  209 
_struct_ref_seq.pdbx_db_align_beg_ins_code    ? 
_struct_ref_seq.db_align_end                  217 
_struct_ref_seq.pdbx_db_align_end_ins_code    ? 
_struct_ref_seq.pdbx_auth_seq_align_beg       209 
_struct_ref_seq.pdbx_auth_seq_align_end       217 
# 
_pdbx_struct_assembly.id                   1 
_pdbx_struct_assembly.details              author_defined_assembly 
_pdbx_struct_assembly.method_details       ? 
_pdbx_struct_assembly.oligomeric_details   monomeric 
_pdbx_struct_assembly.oligomeric_count     1 
# 
loop_
_pdbx_struct_assembly_prop.biol_id 
_pdbx_struct_assembly_prop.type 
_pdbx_struct_assembly_prop.value 
_pdbx_struct_assembly_prop.details 
1 'ABSA (A^2)' 0    ? 
1 MORE         0    ? 
1 'SSA (A^2)'  1120 ? 
# 
_pdbx_struct_assembly_gen.assembly_id       1 
_pdbx_struct_assembly_gen.oper_expression   1 
_pdbx_struct_assembly_gen.asym_id_list      A,B 
# 
_pdbx_struct_assembly_auth_evidence.id                     1 
_pdbx_struct_assembly_auth_evidence.assembly_id            1 
_pdbx_struct_assembly_auth_evidence.experimental_support   microscopy 
_pdbx_struct_assembly_auth_evidence.details                EM 
# 
_pdbx_struct_oper_list.id                   1 
_pdbx_struct_oper_list.type                 'identity operation' 
_pdbx_struct_oper_list.name                 1_555 
_pdbx_struct_oper_list.symmetry_operation   x,y,z 
_pdbx_struct_oper_list.matrix[1][1]         1.0000000000 
_pdbx_struct_oper_list.matrix[1][2]         0.0000000000 
_pdbx_struct_oper_list.matrix[1][3]         0.0000000000 
_pdbx_struct_oper_list.vector[1]            0.0000000000 
_pdbx_struct_oper_list.matrix[2][1]         0.0000000000 
_pdbx_struct_oper_list.matrix[2][2]         1.0000000000 
_pdbx_struct_oper_list.matrix[2][3]         0.0000000000 
_pdbx_struct_oper_list.vector[2]            0.0000000000 
_pdbx_struct_oper_list.matrix[3][1]         0.0000000000 
_pdbx_struct_oper_list.matrix[3][2]         0.0000000000 
_pdbx_struct_oper_list.matrix[3][3]         1.0000000000 
_pdbx_struct_oper_list.vector[3]            0.0000000000 
# 
_em_3d_fitting.entry_id          6J60 
_em_3d_fitting.id                1 
_em_3d_fitting.details           'We have used the direct mehod of SHELXD to solve the structure' 
_em_3d_fitting.overall_b_value   ? 
_em_3d_fitting.ref_protocol      'AB INITIO MODEL' 
_em_3d_fitting.ref_space         RECIPROCAL 
_em_3d_fitting.target_criteria   ? 
_em_3d_fitting.method            ? 
# 
_em_3d_reconstruction.entry_id                    6J60 
_em_3d_reconstruction.id                          1 
_em_3d_reconstruction.algorithm                   ? 
_em_3d_reconstruction.details                     ? 
_em_3d_reconstruction.refinement_type             ? 
_em_3d_reconstruction.image_processing_id         1 
_em_3d_reconstruction.num_class_averages          ? 
_em_3d_reconstruction.num_particles               ? 
_em_3d_reconstruction.resolution                  0.96 
_em_3d_reconstruction.resolution_method           'DIFFRACTION PATTERN/LAYERLINES' 
_em_3d_reconstruction.symmetry_type               '3D CRYSTAL' 
_em_3d_reconstruction.method                      ? 
_em_3d_reconstruction.nominal_pixel_size          ? 
_em_3d_reconstruction.actual_pixel_size           ? 
_em_3d_reconstruction.magnification_calibration   ? 
# 
_em_buffer.id            1 
_em_buffer.details       '2M NH4SO4, 0.1M CAPS PH 10.5, 0.2m LiSO4' 
_em_buffer.pH            10.5 
_em_buffer.specimen_id   1 
_em_buffer.name          ? 
# 
_em_entity_assembly.id                   1 
_em_entity_assembly.parent_id            0 
_em_entity_assembly.details              ? 
_em_entity_assembly.name                 '9-mer peptide from Heterogeneous nuclear ribonucleoprotein A1' 
_em_entity_assembly.source               'MULTIPLE SOURCES' 
_em_entity_assembly.type                 COMPLEX 
_em_entity_assembly.entity_id_list       1 
_em_entity_assembly.synonym              ? 
_em_entity_assembly.oligomeric_details   ? 
# 
_em_imaging.id                              1 
_em_imaging.entry_id                        6J60 
_em_imaging.accelerating_voltage            200 
_em_imaging.alignment_procedure             BASIC 
_em_imaging.c2_aperture_diameter            ? 
_em_imaging.calibrated_defocus_max          ? 
_em_imaging.calibrated_defocus_min          ? 
_em_imaging.calibrated_magnification        ? 
_em_imaging.cryogen                         NITROGEN 
_em_imaging.details                         ? 
_em_imaging.electron_source                 'FIELD EMISSION GUN' 
_em_imaging.illumination_mode               'FLOOD BEAM' 
_em_imaging.microscope_model                'FEI TECNAI F20' 
_em_imaging.mode                            DIFFRACTION 
_em_imaging.nominal_cs                      ? 
_em_imaging.nominal_defocus_max             ? 
_em_imaging.nominal_defocus_min             ? 
_em_imaging.nominal_magnification           ? 
_em_imaging.recording_temperature_maximum   ? 
_em_imaging.recording_temperature_minimum   ? 
_em_imaging.residual_tilt                   ? 
_em_imaging.specimen_holder_model           'GATAN 626 SINGLE TILT LIQUID NITROGEN CRYO TRANSFER HOLDER' 
_em_imaging.specimen_id                     1 
_em_imaging.citation_id                     ? 
_em_imaging.date                            ? 
_em_imaging.temperature                     ? 
_em_imaging.tilt_angle_min                  ? 
_em_imaging.tilt_angle_max                  ? 
_em_imaging.astigmatism                     ? 
_em_imaging.detector_distance               ? 
_em_imaging.electron_beam_tilt_params       ? 
_em_imaging.specimen_holder_type            ? 
# 
_em_sample_support.id               1 
_em_sample_support.specimen_id      1 
_em_sample_support.details          ? 
_em_sample_support.grid_material    COPPER 
_em_sample_support.grid_mesh_size   200 
_em_sample_support.grid_type        'Quantifoil R2/2' 
_em_sample_support.method           ? 
_em_sample_support.film_material    ? 
# 
_em_vitrification.id                    1 
_em_vitrification.specimen_id           1 
_em_vitrification.chamber_temperature   293.15 
_em_vitrification.cryogen_name          ETHANE 
_em_vitrification.details               'blot 2 times' 
_em_vitrification.humidity              30 
_em_vitrification.instrument            'FEI VITROBOT MARK IV' 
_em_vitrification.entry_id              6J60 
_em_vitrification.citation_id           ? 
_em_vitrification.method                ? 
_em_vitrification.temp                  ? 
_em_vitrification.time_resolved_state   ? 
# 
_em_experiment.entry_id                6J60 
_em_experiment.id                      1 
_em_experiment.aggregation_state       '3D ARRAY' 
_em_experiment.reconstruction_method   CRYSTALLOGRAPHY 
_em_experiment.entity_assembly_id      1 
# 
loop_
_chem_comp_atom.comp_id 
_chem_comp_atom.atom_id 
_chem_comp_atom.type_symbol 
_chem_comp_atom.pdbx_aromatic_flag 
_chem_comp_atom.pdbx_stereo_config 
_chem_comp_atom.pdbx_ordinal 
ASN N    N N N 1  
ASN CA   C N S 2  
ASN C    C N N 3  
ASN O    O N N 4  
ASN CB   C N N 5  
ASN CG   C N N 6  
ASN OD1  O N N 7  
ASN ND2  N N N 8  
ASN OXT  O N N 9  
ASN H    H N N 10 
ASN H2   H N N 11 
ASN HA   H N N 12 
ASN HB2  H N N 13 
ASN HB3  H N N 14 
ASN HD21 H N N 15 
ASN HD22 H N N 16 
ASN HXT  H N N 17 
ASP N    N N N 18 
ASP CA   C N S 19 
ASP C    C N N 20 
ASP O    O N N 21 
ASP CB   C N N 22 
ASP CG   C N N 23 
ASP OD1  O N N 24 
ASP OD2  O N N 25 
ASP OXT  O N N 26 
ASP H    H N N 27 
ASP H2   H N N 28 
ASP HA   H N N 29 
ASP HB2  H N N 30 
ASP HB3  H N N 31 
ASP HD2  H N N 32 
ASP HXT  H N N 33 
GLY N    N N N 34 
GLY CA   C N N 35 
GLY C    C N N 36 
GLY O    O N N 37 
GLY OXT  O N N 38 
GLY H    H N N 39 
GLY H2   H N N 40 
GLY HA2  H N N 41 
GLY HA3  H N N 42 
GLY HXT  H N N 43 
HOH O    O N N 44 
HOH H1   H N N 45 
HOH H2   H N N 46 
PHE N    N N N 47 
PHE CA   C N S 48 
PHE C    C N N 49 
PHE O    O N N 50 
PHE CB   C N N 51 
PHE CG   C Y N 52 
PHE CD1  C Y N 53 
PHE CD2  C Y N 54 
PHE CE1  C Y N 55 
PHE CE2  C Y N 56 
PHE CZ   C Y N 57 
PHE OXT  O N N 58 
PHE H    H N N 59 
PHE H2   H N N 60 
PHE HA   H N N 61 
PHE HB2  H N N 62 
PHE HB3  H N N 63 
PHE HD1  H N N 64 
PHE HD2  H N N 65 
PHE HE1  H N N 66 
PHE HE2  H N N 67 
PHE HZ   H N N 68 
PHE HXT  H N N 69 
# 
loop_
_chem_comp_bond.comp_id 
_chem_comp_bond.atom_id_1 
_chem_comp_bond.atom_id_2 
_chem_comp_bond.value_order 
_chem_comp_bond.pdbx_aromatic_flag 
_chem_comp_bond.pdbx_stereo_config 
_chem_comp_bond.pdbx_ordinal 
ASN N   CA   sing N N 1  
ASN N   H    sing N N 2  
ASN N   H2   sing N N 3  
ASN CA  C    sing N N 4  
ASN CA  CB   sing N N 5  
ASN CA  HA   sing N N 6  
ASN C   O    doub N N 7  
ASN C   OXT  sing N N 8  
ASN CB  CG   sing N N 9  
ASN CB  HB2  sing N N 10 
ASN CB  HB3  sing N N 11 
ASN CG  OD1  doub N N 12 
ASN CG  ND2  sing N N 13 
ASN ND2 HD21 sing N N 14 
ASN ND2 HD22 sing N N 15 
ASN OXT HXT  sing N N 16 
ASP N   CA   sing N N 17 
ASP N   H    sing N N 18 
ASP N   H2   sing N N 19 
ASP CA  C    sing N N 20 
ASP CA  CB   sing N N 21 
ASP CA  HA   sing N N 22 
ASP C   O    doub N N 23 
ASP C   OXT  sing N N 24 
ASP CB  CG   sing N N 25 
ASP CB  HB2  sing N N 26 
ASP CB  HB3  sing N N 27 
ASP CG  OD1  doub N N 28 
ASP CG  OD2  sing N N 29 
ASP OD2 HD2  sing N N 30 
ASP OXT HXT  sing N N 31 
GLY N   CA   sing N N 32 
GLY N   H    sing N N 33 
GLY N   H2   sing N N 34 
GLY CA  C    sing N N 35 
GLY CA  HA2  sing N N 36 
GLY CA  HA3  sing N N 37 
GLY C   O    doub N N 38 
GLY C   OXT  sing N N 39 
GLY OXT HXT  sing N N 40 
HOH O   H1   sing N N 41 
HOH O   H2   sing N N 42 
PHE N   CA   sing N N 43 
PHE N   H    sing N N 44 
PHE N   H2   sing N N 45 
PHE CA  C    sing N N 46 
PHE CA  CB   sing N N 47 
PHE CA  HA   sing N N 48 
PHE C   O    doub N N 49 
PHE C   OXT  sing N N 50 
PHE CB  CG   sing N N 51 
PHE CB  HB2  sing N N 52 
PHE CB  HB3  sing N N 53 
PHE CG  CD1  doub Y N 54 
PHE CG  CD2  sing Y N 55 
PHE CD1 CE1  sing Y N 56 
PHE CD1 HD1  sing N N 57 
PHE CD2 CE2  doub Y N 58 
PHE CD2 HD2  sing N N 59 
PHE CE1 CZ   doub Y N 60 
PHE CE1 HE1  sing N N 61 
PHE CE2 CZ   sing Y N 62 
PHE CE2 HE2  sing N N 63 
PHE CZ  HZ   sing N N 64 
PHE OXT HXT  sing N N 65 
# 
_em_3d_crystal_entity.id                    1 
_em_3d_crystal_entity.image_processing_id   1 
_em_3d_crystal_entity.angle_alpha           90 
_em_3d_crystal_entity.angle_beta            90 
_em_3d_crystal_entity.angle_gamma           90 
_em_3d_crystal_entity.length_a              5.01 
_em_3d_crystal_entity.length_b              27.8 
_em_3d_crystal_entity.length_c              36.45 
_em_3d_crystal_entity.space_group_name      'P2(1)2(1)2(1)' 
_em_3d_crystal_entity.space_group_num       19 
# 
_em_crystal_formation.id                    1 
_em_crystal_formation.specimen_id           1 
_em_crystal_formation.atmosphere            ? 
_em_crystal_formation.details               ? 
_em_crystal_formation.instrument            ? 
_em_crystal_formation.lipid_mixture         ? 
_em_crystal_formation.lipid_protein_ratio   1 
_em_crystal_formation.temperature           289 
_em_crystal_formation.time                  ? 
_em_crystal_formation.time_unit             ? 
# 
_em_ctf_correction.id                       1 
_em_ctf_correction.em_image_processing_id   1 
_em_ctf_correction.type                     NONE 
_em_ctf_correction.details                  ? 
# 
_em_diffraction.id                1 
_em_diffraction.camera_length     500 
_em_diffraction.imaging_id        1 
_em_diffraction.tilt_angle_list   ? 
# 
_em_diffraction_shell.id                        1 
_em_diffraction_shell.em_diffraction_stats_id   1 
_em_diffraction_shell.fourier_space_coverage    82 
_em_diffraction_shell.high_resolution           0.96 
_em_diffraction_shell.low_resolution            0.994 
_em_diffraction_shell.multiplicity              3.5 
_em_diffraction_shell.num_structure_factors     262 
_em_diffraction_shell.phase_residual            28.59 
# 
_em_diffraction_stats.id                               1 
_em_diffraction_stats.details                          ? 
_em_diffraction_stats.image_processing_id              1 
_em_diffraction_stats.fourier_space_coverage           82.9 
_em_diffraction_stats.high_resolution                  0.96 
_em_diffraction_stats.num_intensities_measured         14361 
_em_diffraction_stats.num_structure_factors            2935 
_em_diffraction_stats.overall_phase_error              30.87 
_em_diffraction_stats.overall_phase_residual           1 
_em_diffraction_stats.phase_error_rejection_criteria   0 
_em_diffraction_stats.r_merge                          0.251 
_em_diffraction_stats.r_sym                            0.282 
# 
_em_entity_assembly_molwt.entity_assembly_id   1 
_em_entity_assembly_molwt.id                   1 
_em_entity_assembly_molwt.experimental_flag    YES 
_em_entity_assembly_molwt.units                KILODALTONS/NANOMETER 
_em_entity_assembly_molwt.value                0.88 
# 
_em_image_processing.id                   1 
_em_image_processing.image_recording_id   1 
_em_image_processing.details              '.mrc file was transfered to SMV .img format' 
# 
_em_image_recording.id                            1 
_em_image_recording.imaging_id                    1 
_em_image_recording.avg_electron_dose_per_image   0.05 
_em_image_recording.average_exposure_time         5.72 
_em_image_recording.details                       ? 
_em_image_recording.detector_mode                 ? 
_em_image_recording.film_or_detector_model        'GATAN ULTRASCAN 4000 (4k x 4k)' 
_em_image_recording.num_diffraction_images        ? 
_em_image_recording.num_grids_imaged              ? 
_em_image_recording.num_real_images               ? 
# 
_em_imaging_optics.id                         1 
_em_imaging_optics.imaging_id                 1 
_em_imaging_optics.chr_aberration_corrector   ? 
_em_imaging_optics.energyfilter_lower         ? 
_em_imaging_optics.energyfilter_name          ? 
_em_imaging_optics.energyfilter_upper         ? 
_em_imaging_optics.energyfilter_slit_width    ? 
_em_imaging_optics.phase_plate                no 
_em_imaging_optics.sph_aberration_corrector   no 
# 
loop_
_em_software.id 
_em_software.category 
_em_software.details 
_em_software.name 
_em_software.version 
_em_software.image_processing_id 
_em_software.fitting_id 
_em_software.imaging_id 
1  'IMAGE ACQUISITION'             eTasED          ?      ?             ? ? 1 
2  MASKING                         ?               ?      ?             ? ? ? 
3  'CTF CORRECTION'                ?               ?      ?             1 ? ? 
4  'LAYERLINE INDEXING'            ?               ?      ?             ? ? ? 
5  'DIFFRACTION INDEXING'          ?               ?      ?             ? ? ? 
6  'MODEL FITTING'                 ?               Coot   0.8.2         ? 1 ? 
7  OTHER                           ?               ?      ?             ? ? ? 
8  'MOLECULAR REPLACEMENT'         ?               PHENIX 1.13-2998-000 1 ? ? 
9  'LATTICE DISTORTION CORRECTION' ?               ?      ?             1 ? ? 
10 'SYMMETRY DETERMINATION'        ?               ?      ?             1 ? ? 
11 'CRYSTALLOGRAPHY MERGING'       ?               ?      ?             1 ? ? 
12 RECONSTRUCTION                  'direct method' SHELXD ?             1 ? ? 
13 RECONSTRUCTION                  refine          PHENIX ?             1 ? ? 
14 RECONSTRUCTION                  'build model'   Coot   ?             1 ? ? 
15 'MODEL REFINEMENT'              ?               PHENIX 1.13-2998-000 ? 1 ? 
# 
_em_specimen.id                      1 
_em_specimen.experiment_id           1 
_em_specimen.concentration           20 
_em_specimen.details                 powder 
_em_specimen.embedding_applied       NO 
_em_specimen.shadowing_applied       NO 
_em_specimen.staining_applied        NO 
_em_specimen.vitrification_applied   YES 
# 
_atom_sites.entry_id                    6J60 
_atom_sites.fract_transf_matrix[1][1]   0.18426582 
_atom_sites.fract_transf_matrix[1][2]   -0.07597399 
_atom_sites.fract_transf_matrix[1][3]   0.01070606 
_atom_sites.fract_transf_matrix[2][1]   -0.01088787 
_atom_sites.fract_transf_matrix[2][2]   -0.02898692 
_atom_sites.fract_transf_matrix[2][3]   -0.01830643 
_atom_sites.fract_transf_matrix[3][1]   0.00650028 
_atom_sites.fract_transf_matrix[3][2]   0.01244415 
_atom_sites.fract_transf_matrix[3][3]   -0.02357051 
_atom_sites.fract_transf_vector[1]      0.718941 
_atom_sites.fract_transf_vector[2]      0.351804 
_atom_sites.fract_transf_vector[3]      0.130331 
# 
loop_
_atom_type.symbol 
C 
H 
N 
O 
# 
loop_
_atom_site.group_PDB 
_atom_site.id 
_atom_site.type_symbol 
_atom_site.label_atom_id 
_atom_site.label_alt_id 
_atom_site.label_comp_id 
_atom_site.label_asym_id 
_atom_site.label_entity_id 
_atom_site.label_seq_id 
_atom_site.pdbx_PDB_ins_code 
_atom_site.Cartn_x 
_atom_site.Cartn_y 
_atom_site.Cartn_z 
_atom_site.occupancy 
_atom_site.B_iso_or_equiv 
_atom_site.pdbx_formal_charge 
_atom_site.auth_seq_id 
_atom_site.auth_comp_id 
_atom_site.auth_asym_id 
_atom_site.auth_atom_id 
_atom_site.pdbx_PDB_model_num 
ATOM   1   N N    . GLY A 1 1 ? -1.276 2.605   -2.487 1.00 6.34  ? 209 GLY A N    1 
ATOM   2   C CA   . GLY A 1 1 ? -1.060 3.133   -3.819 1.00 7.74  ? 209 GLY A CA   1 
ATOM   3   C C    . GLY A 1 1 ? 0.315  3.725   -4.110 1.00 5.21  ? 209 GLY A C    1 
ATOM   4   O O    . GLY A 1 1 ? 1.179  3.764   -3.231 1.00 5.06  ? 209 GLY A O    1 
ATOM   5   H HA2  . GLY A 1 1 ? -1.212 2.421   -4.460 1.00 9.29  ? 209 GLY A HA2  1 
ATOM   6   H HA3  . GLY A 1 1 ? -1.718 3.825   -3.986 1.00 9.29  ? 209 GLY A HA3  1 
ATOM   7   N N    . PHE A 1 2 ? 0.499  4.198   -5.350 1.00 5.20  ? 210 PHE A N    1 
ATOM   8   C CA   . PHE A 1 2 ? 1.733  4.873   -5.758 1.00 4.08  ? 210 PHE A CA   1 
ATOM   9   C C    . PHE A 1 2 ? 2.006  6.015   -4.778 1.00 4.84  ? 210 PHE A C    1 
ATOM   10  O O    . PHE A 1 2 ? 1.117  6.828   -4.495 1.00 6.53  ? 210 PHE A O    1 
ATOM   11  C CB   . PHE A 1 2 ? 1.547  5.424   -7.202 1.00 5.13  ? 210 PHE A CB   1 
ATOM   12  C CG   . PHE A 1 2 ? 2.766  6.128   -7.776 1.00 4.23  ? 210 PHE A CG   1 
ATOM   13  C CD1  . PHE A 1 2 ? 3.061  7.425   -7.409 1.00 4.05  ? 210 PHE A CD1  1 
ATOM   14  C CD2  . PHE A 1 2 ? 3.612  5.485   -8.685 1.00 5.65  ? 210 PHE A CD2  1 
ATOM   15  C CE1  . PHE A 1 2 ? 4.206  8.053   -7.895 1.00 4.62  ? 210 PHE A CE1  1 
ATOM   16  C CE2  . PHE A 1 2 ? 4.754  6.117   -9.182 1.00 5.17  ? 210 PHE A CE2  1 
ATOM   17  C CZ   . PHE A 1 2 ? 5.040  7.389   -8.791 1.00 4.86  ? 210 PHE A CZ   1 
ATOM   18  H H    . PHE A 1 2 ? -0.084 4.136   -5.978 1.00 6.24  ? 210 PHE A H    1 
ATOM   19  H HA   . PHE A 1 2 ? 2.478  4.252   -5.744 1.00 4.89  ? 210 PHE A HA   1 
ATOM   20  H HB2  . PHE A 1 2 ? 1.332  4.684   -7.790 1.00 6.15  ? 210 PHE A HB2  1 
ATOM   21  H HB3  . PHE A 1 2 ? 0.816  6.062   -7.199 1.00 6.15  ? 210 PHE A HB3  1 
ATOM   22  H HD1  . PHE A 1 2 ? 2.517  7.866   -6.795 1.00 4.87  ? 210 PHE A HD1  1 
ATOM   23  H HD2  . PHE A 1 2 ? 3.428  4.609   -8.938 1.00 6.78  ? 210 PHE A HD2  1 
ATOM   24  H HE1  . PHE A 1 2 ? 4.399  8.927   -7.641 1.00 5.54  ? 210 PHE A HE1  1 
ATOM   25  H HE2  . PHE A 1 2 ? 5.310  5.675   -9.782 1.00 6.21  ? 210 PHE A HE2  1 
ATOM   26  H HZ   . PHE A 1 2 ? 5.790  7.821   -9.134 1.00 5.84  ? 210 PHE A HZ   1 
ATOM   27  N N    . GLY A 1 3 ? 3.236  6.057   -4.233 1.00 4.15  ? 211 GLY A N    1 
ATOM   28  C CA   . GLY A 1 3 ? 3.600  7.062   -3.253 1.00 5.49  ? 211 GLY A CA   1 
ATOM   29  C C    . GLY A 1 3 ? 3.134  6.778   -1.836 1.00 5.27  ? 211 GLY A C    1 
ATOM   30  O O    . GLY A 1 3 ? 3.369  7.597   -0.940 1.00 9.58  ? 211 GLY A O    1 
ATOM   31  H H    . GLY A 1 3 ? 3.870  5.506   -4.422 1.00 4.99  ? 211 GLY A H    1 
ATOM   32  H HA2  . GLY A 1 3 ? 4.566  7.150   -3.237 1.00 6.59  ? 211 GLY A HA2  1 
ATOM   33  H HA3  . GLY A 1 3 ? 3.226  7.915   -3.524 1.00 6.59  ? 211 GLY A HA3  1 
ATOM   34  N N    . GLY A 1 4 ? 2.497  5.635   -1.606 1.00 5.48  ? 212 GLY A N    1 
ATOM   35  C CA   . GLY A 1 4 ? 1.925  5.260   -0.325 1.00 4.54  ? 212 GLY A CA   1 
ATOM   36  C C    . GLY A 1 4 ? 2.087  3.782   -0.022 1.00 3.41  ? 212 GLY A C    1 
ATOM   37  O O    . GLY A 1 4 ? 3.126  3.200   -0.369 1.00 5.40  ? 212 GLY A O    1 
ATOM   38  H H    . GLY A 1 4 ? 2.380  5.033   -2.210 1.00 6.57  ? 212 GLY A H    1 
ATOM   39  H HA2  . GLY A 1 4 ? 2.356  5.767   0.381  1.00 5.45  ? 212 GLY A HA2  1 
ATOM   40  H HA3  . GLY A 1 4 ? 0.978  5.472   -0.321 1.00 5.45  ? 212 GLY A HA3  1 
ATOM   41  N N    . ASN A 1 5 ? 1.112  3.164   0.657  1.00 3.03  ? 213 ASN A N    1 
ATOM   42  C CA   . ASN A 1 5 ? 1.271  1.802   1.186  1.00 3.99  ? 213 ASN A CA   1 
ATOM   43  C C    . ASN A 1 5 ? 0.207  0.842   0.647  1.00 3.53  ? 213 ASN A C    1 
ATOM   44  O O    . ASN A 1 5 ? -0.936 1.237   0.369  1.00 4.17  ? 213 ASN A O    1 
ATOM   45  C CB   . ASN A 1 5 ? 1.198  1.799   2.725  1.00 5.11  ? 213 ASN A CB   1 
ATOM   46  C CG   . ASN A 1 5 ? 2.183  2.753   3.342  1.00 6.10  ? 213 ASN A CG   1 
ATOM   47  O OD1  . ASN A 1 5 ? 3.383  2.488   3.351  1.00 6.66  ? 213 ASN A OD1  1 
ATOM   48  N ND2  . ASN A 1 5 ? 1.696  3.894   3.820  1.00 7.27  ? 213 ASN A ND2  1 
ATOM   49  H H    . ASN A 1 5 ? 0.345  3.514   0.825  1.00 3.63  ? 213 ASN A H    1 
ATOM   50  H HA   . ASN A 1 5 ? 2.141  1.461   0.926  1.00 4.79  ? 213 ASN A HA   1 
ATOM   51  H HB2  . ASN A 1 5 ? 0.307  2.066   3.002  1.00 6.13  ? 213 ASN A HB2  1 
ATOM   52  H HB3  . ASN A 1 5 ? 1.396  0.907   3.051  1.00 6.13  ? 213 ASN A HB3  1 
ATOM   53  H HD21 . ASN A 1 5 ? 2.223  4.469   4.181  1.00 8.72  ? 213 ASN A HD21 1 
ATOM   54  H HD22 . ASN A 1 5 ? 0.853  4.057   3.767  1.00 8.72  ? 213 ASN A HD22 1 
ATOM   55  N N    . ASP A 1 6 ? 0.606  -0.438  0.550  1.00 4.80  ? 214 ASP A N    1 
ATOM   56  C CA   . ASP A 1 6 ? -0.263 -1.551  0.162  1.00 4.36  ? 214 ASP A CA   1 
ATOM   57  C C    . ASP A 1 6 ? -0.113 -2.677  1.203  1.00 3.19  ? 214 ASP A C    1 
ATOM   58  O O    . ASP A 1 6 ? 0.975  -3.252  1.359  1.00 3.80  ? 214 ASP A O    1 
ATOM   59  C CB   . ASP A 1 6 ? 0.058  -2.010  -1.267 1.00 9.87  ? 214 ASP A CB   1 
ATOM   60  C CG   . ASP A 1 6 ? -0.207 -0.908  -2.331 1.00 10.41 ? 214 ASP A CG   1 
ATOM   61  O OD1  . ASP A 1 6 ? 0.665  -0.039  -2.551 1.00 12.48 ? 214 ASP A OD1  1 
ATOM   62  O OD2  . ASP A 1 6 ? -1.299 -0.902  -2.942 1.00 16.66 ? 214 ASP A OD2  1 
ATOM   63  H H    . ASP A 1 6 ? 1.412  -0.689  0.712  1.00 5.76  ? 214 ASP A H    1 
ATOM   64  H HA   . ASP A 1 6 ? -1.185 -1.250  0.178  1.00 5.24  ? 214 ASP A HA   1 
ATOM   65  H HB2  . ASP A 1 6 ? 0.995  -2.256  -1.316 1.00 11.85 ? 214 ASP A HB2  1 
ATOM   66  H HB3  . ASP A 1 6 ? -0.497 -2.776  -1.484 1.00 11.85 ? 214 ASP A HB3  1 
ATOM   67  N N    . ASN A 1 7 ? -1.208 -2.955  1.945  1.00 2.88  ? 215 ASN A N    1 
ATOM   68  C CA   . ASN A 1 7 ? -1.216 -3.833  3.124  1.00 2.64  ? 215 ASN A CA   1 
ATOM   69  C C    . ASN A 1 7 ? -2.149 -5.018  2.870  1.00 2.74  ? 215 ASN A C    1 
ATOM   70  O O    . ASN A 1 7 ? -3.351 -4.825  2.623  1.00 3.48  ? 215 ASN A O    1 
ATOM   71  C CB   . ASN A 1 7 ? -1.721 -3.041  4.355  1.00 4.49  ? 215 ASN A CB   1 
ATOM   72  C CG   . ASN A 1 7 ? -0.812 -1.871  4.715  1.00 3.05  ? 215 ASN A CG   1 
ATOM   73  O OD1  . ASN A 1 7 ? 0.409  -2.033  4.932  1.00 3.85  ? 215 ASN A OD1  1 
ATOM   74  N ND2  . ASN A 1 7 ? -1.394 -0.671  4.750  1.00 5.92  ? 215 ASN A ND2  1 
ATOM   75  H H    . ASN A 1 7 ? -1.984 -2.630  1.771  1.00 3.46  ? 215 ASN A H    1 
ATOM   76  H HA   . ASN A 1 7 ? -0.322 -4.164  3.303  1.00 3.17  ? 215 ASN A HA   1 
ATOM   77  H HB2  . ASN A 1 7 ? -2.604 -2.688  4.161  1.00 5.39  ? 215 ASN A HB2  1 
ATOM   78  H HB3  . ASN A 1 7 ? -1.762 -3.636  5.119  1.00 5.39  ? 215 ASN A HB3  1 
ATOM   79  H HD21 . ASN A 1 7 ? -0.932 0.027   4.947  1.00 7.10  ? 215 ASN A HD21 1 
ATOM   80  H HD22 . ASN A 1 7 ? -2.233 -0.595  4.575  1.00 7.10  ? 215 ASN A HD22 1 
ATOM   81  N N    . PHE A 1 8 ? -1.601 -6.242  2.941  1.00 4.64  ? 216 PHE A N    1 
ATOM   82  C CA   . PHE A 1 8 ? -2.360 -7.483  2.760  1.00 5.57  ? 216 PHE A CA   1 
ATOM   83  C C    . PHE A 1 8 ? -2.326 -8.316  4.052  1.00 5.56  ? 216 PHE A C    1 
ATOM   84  O O    . PHE A 1 8 ? -1.255 -8.776  4.469  1.00 7.88  ? 216 PHE A O    1 
ATOM   85  C CB   . PHE A 1 8 ? -1.817 -8.277  1.544  1.00 5.52  ? 216 PHE A CB   1 
ATOM   86  C CG   . PHE A 1 8 ? -1.727 -7.451  0.234  1.00 5.82  ? 216 PHE A CG   1 
ATOM   87  C CD1  . PHE A 1 8 ? -0.605 -6.671  -0.047 1.00 5.57  ? 216 PHE A CD1  1 
ATOM   88  C CD2  . PHE A 1 8 ? -2.779 -7.450  -0.704 1.00 8.02  ? 216 PHE A CD2  1 
ATOM   89  C CE1  . PHE A 1 8 ? -0.521 -5.927  -1.208 1.00 8.90  ? 216 PHE A CE1  1 
ATOM   90  C CE2  . PHE A 1 8 ? -2.693 -6.692  -1.881 1.00 7.38  ? 216 PHE A CE2  1 
ATOM   91  C CZ   . PHE A 1 8 ? -1.584 -5.925  -2.131 1.00 8.55  ? 216 PHE A CZ   1 
ATOM   92  H H    . PHE A 1 8 ? -0.768 -6.378  3.098  1.00 5.57  ? 216 PHE A H    1 
ATOM   93  H HA   . PHE A 1 8 ? -3.286 -7.259  2.576  1.00 6.69  ? 216 PHE A HA   1 
ATOM   94  H HB2  . PHE A 1 8 ? -0.925 -8.595  1.755  1.00 6.62  ? 216 PHE A HB2  1 
ATOM   95  H HB3  . PHE A 1 8 ? -2.403 -9.032  1.379  1.00 6.62  ? 216 PHE A HB3  1 
ATOM   96  H HD1  . PHE A 1 8 ? 0.101  -6.653  0.558  1.00 6.69  ? 216 PHE A HD1  1 
ATOM   97  H HD2  . PHE A 1 8 ? -3.541 -7.957  -0.540 1.00 9.62  ? 216 PHE A HD2  1 
ATOM   98  H HE1  . PHE A 1 8 ? 0.235  -5.414  -1.373 1.00 10.68 ? 216 PHE A HE1  1 
ATOM   99  H HE2  . PHE A 1 8 ? -3.397 -6.700  -2.489 1.00 8.85  ? 216 PHE A HE2  1 
ATOM   100 H HZ   . PHE A 1 8 ? -1.524 -5.429  -2.916 1.00 10.26 ? 216 PHE A HZ   1 
ATOM   101 N N    . GLY A 1 9 ? -3.499 -8.525  4.672  1.00 6.84  ? 217 GLY A N    1 
ATOM   102 C CA   . GLY A 1 9 ? -3.630 -9.264  5.923  1.00 8.12  ? 217 GLY A CA   1 
ATOM   103 C C    . GLY A 1 9 ? -4.996 -9.925  6.139  1.00 9.32  ? 217 GLY A C    1 
ATOM   104 O O    . GLY A 1 9 ? -5.852 -9.988  5.264  1.00 6.88  ? 217 GLY A O    1 
ATOM   105 O OXT  . GLY A 1 9 ? -5.299 -10.446 7.214  0.65 12.68 ? 217 GLY A OXT  1 
ATOM   106 H H    . GLY A 1 9 ? -4.251 -8.236  4.371  1.00 8.21  ? 217 GLY A H    1 
ATOM   107 H HA2  . GLY A 1 9 ? -2.954 -9.959  5.949  1.00 9.74  ? 217 GLY A HA2  1 
ATOM   108 H HA3  . GLY A 1 9 ? -3.468 -8.660  6.664  1.00 9.74  ? 217 GLY A HA3  1 
HETATM 109 O O    . HOH B 2 . ? -0.147 -7.798  6.806  1.00 20.37 ? 301 HOH A O    1 
HETATM 110 O O    . HOH B 2 . ? -3.109 -10.729 8.996  1.00 16.27 ? 302 HOH A O    1 
HETATM 111 O O    . HOH B 2 . ? 5.329  9.860   -0.504 1.00 21.42 ? 303 HOH A O    1 
HETATM 112 O O    . HOH B 2 . ? 5.208  5.246   3.475  1.00 19.02 ? 304 HOH A O    1 
# 
